data_6TRV
#
_entry.id   6TRV
#
_cell.length_a   76.064
_cell.length_b   45.664
_cell.length_c   83.485
_cell.angle_alpha   90.000
_cell.angle_beta   105.054
_cell.angle_gamma   90.000
#
_symmetry.space_group_name_H-M   'P 1 21 1'
#
loop_
_entity.id
_entity.type
_entity.pdbx_description
1 polymer 'Uncharacterized protein'
2 non-polymer 'methyl alpha-L-fucopyranoside'
3 non-polymer GLYCEROL
4 non-polymer 'SULFATE ION'
5 water water
#
_entity_poly.entity_id   1
_entity_poly.type   'polypeptide(L)'
_entity_poly.pdbx_seq_one_letter_code
;GHMSGVLQISFPAGIAAIRNNSSLRVYEAALDGGVREAQYEGRWAGGKPDNVIATGKIGTPIAATSVGFQYIRVYYVGAD
NKAREACWDGKGWYTGAFVKDVAPYSSIGAVFLGKNIVVRVYTQNHDNTIQEWVWDSPSTGWTAGANFGAALPGTAIAAT
SWGAGPYHIRVYFQDTNRNVIESGWDGSGWYTGGLKISNQSPRASLGATSWGESGSSLGIRLYYATQDNLIKEKAWDGGG
GWYDGGFQQRSIPGSRVAAIPLPVLRVYLQNGTEVSGITEYAWNSGWVVGQAVLPPA
;
_entity_poly.pdbx_strand_id   AAA,BBB
#
# COMPACT_ATOMS: atom_id res chain seq x y z
N SER A 4 12.90 -3.66 -19.84
CA SER A 4 12.48 -3.70 -18.40
C SER A 4 11.07 -3.08 -18.32
N GLY A 5 10.10 -3.80 -17.75
CA GLY A 5 8.79 -3.27 -17.33
C GLY A 5 8.58 -3.49 -15.82
N VAL A 6 9.68 -3.51 -15.10
CA VAL A 6 9.63 -3.56 -13.62
C VAL A 6 8.67 -2.54 -13.02
N LEU A 7 8.46 -1.38 -13.64
CA LEU A 7 7.58 -0.33 -13.04
C LEU A 7 6.11 -0.69 -13.15
N GLN A 8 5.80 -1.70 -13.91
CA GLN A 8 4.42 -2.25 -13.95
C GLN A 8 4.13 -3.02 -12.64
N ILE A 9 5.15 -3.45 -11.88
CA ILE A 9 4.95 -4.22 -10.62
C ILE A 9 4.39 -3.29 -9.55
N SER A 10 3.39 -3.76 -8.84
CA SER A 10 2.79 -3.05 -7.69
C SER A 10 3.86 -2.69 -6.64
N PHE A 11 3.55 -1.66 -5.87
CA PHE A 11 4.33 -1.14 -4.73
C PHE A 11 3.36 -0.89 -3.57
N PRO A 12 3.23 -1.73 -2.54
CA PRO A 12 3.77 -3.10 -2.53
C PRO A 12 2.91 -4.10 -3.29
N ALA A 13 3.57 -5.12 -3.82
CA ALA A 13 2.96 -6.23 -4.57
C ALA A 13 2.64 -7.36 -3.61
N GLY A 14 1.57 -8.08 -3.86
CA GLY A 14 1.40 -9.48 -3.47
C GLY A 14 2.46 -10.32 -4.17
N ILE A 15 3.09 -11.21 -3.39
CA ILE A 15 4.20 -12.13 -3.78
C ILE A 15 3.86 -13.51 -3.24
N ALA A 16 4.04 -14.50 -4.08
CA ALA A 16 4.00 -15.94 -3.74
C ALA A 16 5.11 -16.63 -4.53
N ALA A 17 5.64 -17.71 -4.00
CA ALA A 17 6.73 -18.46 -4.61
C ALA A 17 6.55 -19.96 -4.39
N ILE A 18 6.93 -20.73 -5.39
CA ILE A 18 6.93 -22.22 -5.28
C ILE A 18 8.24 -22.66 -5.86
N ARG A 19 8.56 -23.95 -5.73
CA ARG A 19 9.80 -24.51 -6.37
C ARG A 19 9.56 -25.99 -6.64
N ASN A 20 10.21 -26.49 -7.66
CA ASN A 20 10.31 -27.93 -7.98
C ASN A 20 11.80 -28.20 -8.21
N ASN A 21 12.50 -28.75 -7.22
CA ASN A 21 13.98 -28.86 -7.20
C ASN A 21 14.52 -27.46 -7.29
N SER A 22 15.43 -27.20 -8.23
CA SER A 22 16.04 -25.85 -8.38
C SER A 22 15.28 -25.04 -9.46
N SER A 23 14.09 -25.51 -9.87
CA SER A 23 13.15 -24.77 -10.75
C SER A 23 12.25 -23.94 -9.86
N LEU A 24 12.24 -22.64 -10.10
CA LEU A 24 11.39 -21.75 -9.27
C LEU A 24 10.30 -21.08 -10.12
N ARG A 25 9.23 -20.68 -9.43
CA ARG A 25 8.24 -19.72 -9.94
C ARG A 25 7.96 -18.73 -8.81
N VAL A 26 7.86 -17.49 -9.18
CA VAL A 26 7.45 -16.38 -8.31
C VAL A 26 6.30 -15.70 -9.01
N TYR A 27 5.23 -15.43 -8.28
CA TYR A 27 4.00 -14.76 -8.75
C TYR A 27 4.00 -13.39 -8.09
N GLU A 28 3.93 -12.35 -8.87
CA GLU A 28 4.02 -10.96 -8.42
C GLU A 28 2.79 -10.23 -8.97
N ALA A 29 2.21 -9.32 -8.18
CA ALA A 29 1.09 -8.46 -8.59
C ALA A 29 1.55 -7.21 -9.42
N ALA A 30 1.09 -7.15 -10.65
CA ALA A 30 1.18 -5.95 -11.51
C ALA A 30 0.20 -4.92 -10.92
N LEU A 31 0.41 -3.65 -11.25
CA LEU A 31 -0.33 -2.56 -10.59
C LEU A 31 -1.74 -2.44 -11.18
N ASP A 32 -2.12 -3.28 -12.15
CA ASP A 32 -3.47 -3.31 -12.77
C ASP A 32 -4.24 -4.50 -12.20
N GLY A 33 -3.64 -5.25 -11.28
CA GLY A 33 -4.21 -6.48 -10.68
C GLY A 33 -3.69 -7.76 -11.36
N GLY A 34 -2.89 -7.63 -12.42
CA GLY A 34 -2.40 -8.79 -13.15
C GLY A 34 -1.47 -9.62 -12.28
N VAL A 35 -1.56 -10.93 -12.37
CA VAL A 35 -0.73 -11.89 -11.59
C VAL A 35 0.28 -12.44 -12.61
N ARG A 36 1.51 -11.99 -12.47
CA ARG A 36 2.60 -12.31 -13.41
C ARG A 36 3.39 -13.48 -12.87
N GLU A 37 3.74 -14.41 -13.74
CA GLU A 37 4.71 -15.47 -13.42
C GLU A 37 6.17 -15.09 -13.82
N ALA A 38 7.09 -15.10 -12.87
CA ALA A 38 8.54 -15.19 -13.15
C ALA A 38 9.06 -16.63 -12.98
N GLN A 39 9.87 -17.10 -13.95
CA GLN A 39 10.39 -18.48 -14.07
C GLN A 39 11.89 -18.46 -13.79
N TYR A 40 12.40 -19.33 -12.90
CA TYR A 40 13.86 -19.61 -12.80
C TYR A 40 14.10 -21.04 -13.26
N GLU A 41 14.83 -21.15 -14.37
CA GLU A 41 15.24 -22.42 -15.02
C GLU A 41 16.72 -22.30 -15.34
N GLY A 42 17.57 -22.06 -14.32
CA GLY A 42 19.03 -21.88 -14.48
C GLY A 42 19.37 -20.44 -14.77
N ARG A 43 18.35 -19.59 -14.97
CA ARG A 43 18.37 -18.13 -15.22
C ARG A 43 16.94 -17.60 -15.07
N TRP A 44 16.76 -16.31 -14.84
CA TRP A 44 15.43 -15.73 -14.56
C TRP A 44 14.82 -15.17 -15.85
N ALA A 45 13.54 -15.46 -16.08
CA ALA A 45 12.72 -14.96 -17.21
C ALA A 45 11.29 -14.72 -16.73
N GLY A 46 10.43 -14.23 -17.64
CA GLY A 46 9.04 -13.88 -17.40
C GLY A 46 8.82 -12.52 -16.72
N GLY A 47 7.73 -12.46 -15.96
CA GLY A 47 7.22 -11.25 -15.31
C GLY A 47 6.63 -10.26 -16.30
N LYS A 48 6.53 -10.60 -17.59
CA LYS A 48 6.06 -9.65 -18.62
C LYS A 48 4.53 -9.71 -18.72
N PRO A 49 3.86 -8.74 -19.42
CA PRO A 49 2.43 -8.78 -19.72
C PRO A 49 1.97 -10.11 -20.30
N ASP A 50 2.71 -10.77 -21.19
CA ASP A 50 2.32 -12.13 -21.73
C ASP A 50 2.56 -13.27 -20.70
N ASN A 51 2.94 -12.97 -19.45
CA ASN A 51 3.16 -13.92 -18.33
C ASN A 51 2.06 -13.72 -17.26
N VAL A 52 1.04 -12.95 -17.58
CA VAL A 52 -0.15 -12.82 -16.70
C VAL A 52 -0.93 -14.13 -16.76
N ILE A 53 -1.16 -14.76 -15.61
CA ILE A 53 -1.94 -16.04 -15.50
C ILE A 53 -3.35 -15.70 -15.04
N ALA A 54 -3.61 -14.46 -14.68
CA ALA A 54 -4.97 -14.06 -14.27
C ALA A 54 -4.91 -12.60 -13.83
N THR A 55 -6.08 -11.97 -13.65
CA THR A 55 -6.21 -10.54 -13.25
C THR A 55 -7.14 -10.46 -12.05
N GLY A 56 -6.65 -9.95 -10.96
CA GLY A 56 -7.51 -9.59 -9.82
C GLY A 56 -7.64 -8.11 -9.71
N LYS A 57 -8.14 -7.65 -8.58
CA LYS A 57 -8.26 -6.18 -8.30
C LYS A 57 -6.87 -5.60 -7.99
N ILE A 58 -6.70 -4.27 -8.01
CA ILE A 58 -5.44 -3.57 -7.63
C ILE A 58 -5.22 -3.86 -6.15
N GLY A 59 -4.02 -4.25 -5.75
CA GLY A 59 -3.70 -4.67 -4.36
C GLY A 59 -4.08 -6.11 -4.01
N THR A 60 -4.52 -6.91 -4.97
CA THR A 60 -4.74 -8.35 -4.74
C THR A 60 -3.58 -8.99 -3.94
N PRO A 61 -3.92 -9.80 -2.90
CA PRO A 61 -2.95 -10.73 -2.36
C PRO A 61 -2.71 -11.85 -3.39
N ILE A 62 -1.54 -12.49 -3.36
CA ILE A 62 -1.32 -13.72 -4.13
C ILE A 62 -0.89 -14.82 -3.16
N ALA A 63 -1.44 -15.97 -3.35
CA ALA A 63 -1.03 -17.23 -2.70
C ALA A 63 -0.89 -18.29 -3.76
N ALA A 64 0.20 -19.03 -3.70
CA ALA A 64 0.54 -20.11 -4.65
C ALA A 64 1.03 -21.34 -3.90
N THR A 65 0.65 -22.49 -4.44
CA THR A 65 0.95 -23.80 -3.85
C THR A 65 1.13 -24.78 -5.00
N SER A 66 1.87 -25.85 -4.79
CA SER A 66 2.10 -26.81 -5.89
C SER A 66 2.42 -28.22 -5.38
N VAL A 67 2.31 -29.20 -6.29
CA VAL A 67 2.84 -30.58 -6.14
C VAL A 67 3.81 -30.72 -7.30
N GLY A 68 5.08 -30.53 -7.00
CA GLY A 68 6.12 -30.36 -8.03
C GLY A 68 5.67 -29.25 -8.95
N PHE A 69 5.85 -29.44 -10.25
CA PHE A 69 5.22 -28.56 -11.26
C PHE A 69 4.11 -29.37 -11.97
N GLN A 70 3.78 -30.54 -11.40
CA GLN A 70 2.63 -31.35 -11.89
C GLN A 70 1.33 -30.57 -11.71
N TYR A 71 1.15 -29.93 -10.57
CA TYR A 71 -0.04 -29.12 -10.28
C TYR A 71 0.39 -27.82 -9.60
N ILE A 72 0.00 -26.70 -10.17
CA ILE A 72 0.13 -25.39 -9.50
C ILE A 72 -1.29 -24.85 -9.39
N ARG A 73 -1.56 -24.14 -8.31
CA ARG A 73 -2.80 -23.41 -7.99
C ARG A 73 -2.43 -22.05 -7.46
N VAL A 74 -2.88 -20.97 -8.10
CA VAL A 74 -2.55 -19.61 -7.62
C VAL A 74 -3.87 -18.91 -7.23
N TYR A 75 -3.91 -18.24 -6.07
CA TYR A 75 -5.15 -17.64 -5.54
C TYR A 75 -4.93 -16.13 -5.51
N TYR A 76 -6.00 -15.41 -5.86
CA TYR A 76 -6.00 -13.92 -5.93
C TYR A 76 -7.42 -13.42 -5.69
N VAL A 77 -7.58 -12.15 -5.45
CA VAL A 77 -8.93 -11.58 -5.20
C VAL A 77 -9.30 -10.67 -6.34
N GLY A 78 -10.52 -10.84 -6.90
CA GLY A 78 -11.08 -9.98 -7.94
C GLY A 78 -11.67 -8.69 -7.38
N ALA A 79 -11.97 -7.74 -8.28
CA ALA A 79 -12.62 -6.44 -7.97
C ALA A 79 -14.04 -6.67 -7.41
N ASP A 80 -14.63 -7.85 -7.65
CA ASP A 80 -15.93 -8.32 -7.10
C ASP A 80 -15.76 -8.91 -5.70
N ASN A 81 -14.59 -8.78 -5.09
CA ASN A 81 -14.34 -9.23 -3.70
C ASN A 81 -14.62 -10.72 -3.58
N LYS A 82 -14.22 -11.44 -4.61
CA LYS A 82 -14.25 -12.91 -4.60
C LYS A 82 -12.83 -13.42 -4.82
N ALA A 83 -12.39 -14.32 -3.97
CA ALA A 83 -11.16 -15.06 -4.21
C ALA A 83 -11.37 -16.04 -5.37
N ARG A 84 -10.39 -16.14 -6.25
CA ARG A 84 -10.49 -16.96 -7.48
C ARG A 84 -9.21 -17.78 -7.59
N GLU A 85 -9.07 -18.61 -8.62
CA GLU A 85 -8.04 -19.66 -8.70
C GLU A 85 -7.57 -19.79 -10.17
N ALA A 86 -6.28 -19.69 -10.41
CA ALA A 86 -5.66 -20.01 -11.71
C ALA A 86 -5.05 -21.40 -11.60
N CYS A 87 -5.18 -22.28 -12.60
CA CYS A 87 -4.76 -23.71 -12.44
C CYS A 87 -3.73 -24.07 -13.50
N TRP A 88 -2.75 -24.84 -13.10
CA TRP A 88 -1.81 -25.50 -14.03
C TRP A 88 -1.82 -27.01 -13.75
N ASP A 89 -2.10 -27.80 -14.78
CA ASP A 89 -2.11 -29.26 -14.73
C ASP A 89 -1.25 -29.79 -15.88
N GLY A 90 -0.16 -29.10 -16.20
CA GLY A 90 0.92 -29.60 -17.07
C GLY A 90 0.72 -29.22 -18.53
N LYS A 91 -0.45 -28.76 -18.92
CA LYS A 91 -0.74 -28.42 -20.34
C LYS A 91 -1.55 -27.12 -20.47
N GLY A 92 -1.26 -26.08 -19.68
CA GLY A 92 -1.77 -24.72 -19.89
C GLY A 92 -2.56 -24.29 -18.68
N TRP A 93 -2.65 -22.99 -18.49
CA TRP A 93 -3.35 -22.35 -17.35
C TRP A 93 -4.87 -22.29 -17.62
N TYR A 94 -5.67 -22.53 -16.62
CA TYR A 94 -7.12 -22.46 -16.81
C TYR A 94 -7.72 -21.98 -15.50
N THR A 95 -8.96 -21.49 -15.57
CA THR A 95 -9.78 -21.03 -14.44
C THR A 95 -10.27 -22.25 -13.65
N GLY A 96 -10.07 -22.20 -12.35
CA GLY A 96 -10.47 -23.30 -11.46
C GLY A 96 -11.86 -23.06 -10.89
N ALA A 97 -12.41 -24.07 -10.22
CA ALA A 97 -13.76 -24.05 -9.64
C ALA A 97 -13.78 -23.23 -8.34
N PHE A 98 -12.64 -22.91 -7.77
CA PHE A 98 -12.60 -22.16 -6.50
C PHE A 98 -13.11 -20.73 -6.72
N VAL A 99 -14.23 -20.37 -6.10
CA VAL A 99 -14.81 -18.99 -6.07
C VAL A 99 -15.42 -18.75 -4.68
N LYS A 100 -14.89 -17.78 -3.91
CA LYS A 100 -15.39 -17.53 -2.55
C LYS A 100 -15.39 -16.04 -2.28
N ASP A 101 -16.49 -15.58 -1.71
CA ASP A 101 -16.61 -14.21 -1.17
C ASP A 101 -15.62 -14.04 -0.02
N VAL A 102 -14.85 -12.98 -0.04
CA VAL A 102 -13.92 -12.56 1.05
C VAL A 102 -14.14 -11.09 1.39
N ALA A 103 -13.79 -10.69 2.60
CA ALA A 103 -13.68 -9.28 2.94
C ALA A 103 -12.83 -8.62 1.85
N PRO A 104 -13.14 -7.37 1.47
CA PRO A 104 -12.39 -6.68 0.41
C PRO A 104 -10.87 -6.59 0.72
N TYR A 105 -10.52 -6.58 2.02
CA TYR A 105 -9.12 -6.54 2.49
C TYR A 105 -8.61 -7.93 2.86
N SER A 106 -9.26 -9.06 2.53
CA SER A 106 -8.77 -10.41 2.90
C SER A 106 -7.42 -10.74 2.24
N SER A 107 -6.53 -11.38 2.97
CA SER A 107 -5.34 -12.06 2.43
C SER A 107 -5.76 -13.49 2.13
N ILE A 108 -4.86 -14.30 1.58
CA ILE A 108 -5.15 -15.70 1.15
C ILE A 108 -3.93 -16.52 1.56
N GLY A 109 -4.19 -17.71 2.08
CA GLY A 109 -3.17 -18.77 2.16
C GLY A 109 -3.72 -20.01 1.56
N ALA A 110 -2.85 -20.81 1.02
CA ALA A 110 -3.23 -22.07 0.37
C ALA A 110 -2.09 -23.06 0.50
N VAL A 111 -2.44 -24.34 0.63
CA VAL A 111 -1.48 -25.46 0.75
C VAL A 111 -2.05 -26.66 -0.02
N PHE A 112 -1.17 -27.39 -0.70
CA PHE A 112 -1.46 -28.77 -1.12
C PHE A 112 -1.23 -29.64 0.09
N LEU A 113 -2.00 -30.69 0.28
CA LEU A 113 -1.83 -31.68 1.36
C LEU A 113 -1.21 -32.97 0.77
N GLY A 114 0.00 -33.31 1.22
CA GLY A 114 0.70 -34.51 0.73
C GLY A 114 0.86 -34.44 -0.77
N LYS A 115 0.95 -35.57 -1.43
CA LYS A 115 1.35 -35.67 -2.87
C LYS A 115 0.11 -35.95 -3.71
N ASN A 116 -1.05 -36.05 -3.05
CA ASN A 116 -2.33 -36.17 -3.80
C ASN A 116 -2.93 -34.75 -3.95
N ILE A 117 -3.91 -34.69 -4.82
CA ILE A 117 -4.45 -33.38 -5.21
C ILE A 117 -5.50 -33.10 -4.14
N VAL A 118 -5.11 -32.47 -3.04
CA VAL A 118 -5.96 -32.11 -1.89
C VAL A 118 -5.57 -30.67 -1.44
N VAL A 119 -6.50 -29.75 -1.33
CA VAL A 119 -6.13 -28.32 -1.21
C VAL A 119 -6.88 -27.71 -0.02
N ARG A 120 -6.19 -26.85 0.71
CA ARG A 120 -6.77 -25.97 1.75
C ARG A 120 -6.50 -24.53 1.33
N VAL A 121 -7.52 -23.69 1.43
CA VAL A 121 -7.39 -22.24 1.20
C VAL A 121 -7.98 -21.55 2.43
N TYR A 122 -7.29 -20.52 2.90
CA TYR A 122 -7.63 -19.73 4.09
C TYR A 122 -7.86 -18.27 3.64
N THR A 123 -9.02 -17.73 3.99
CA THR A 123 -9.48 -16.39 3.58
C THR A 123 -10.11 -15.79 4.79
N GLN A 124 -10.29 -14.46 4.78
CA GLN A 124 -11.04 -13.69 5.83
C GLN A 124 -12.43 -13.27 5.30
N ASN A 125 -13.46 -13.78 5.94
CA ASN A 125 -14.89 -13.44 5.77
C ASN A 125 -15.14 -11.94 6.00
N HIS A 126 -16.30 -11.46 5.59
CA HIS A 126 -16.83 -10.12 5.94
C HIS A 126 -16.85 -9.94 7.45
N ASP A 127 -17.12 -10.98 8.24
CA ASP A 127 -17.23 -10.85 9.70
C ASP A 127 -15.85 -10.87 10.36
N ASN A 128 -14.79 -11.04 9.53
CA ASN A 128 -13.33 -10.97 9.86
C ASN A 128 -12.86 -12.28 10.52
N THR A 129 -13.58 -13.36 10.42
CA THR A 129 -13.12 -14.71 10.84
C THR A 129 -12.26 -15.33 9.75
N ILE A 130 -11.34 -16.22 10.12
CA ILE A 130 -10.49 -16.99 9.14
C ILE A 130 -11.24 -18.28 8.89
N GLN A 131 -11.61 -18.52 7.65
CA GLN A 131 -12.37 -19.70 7.22
C GLN A 131 -11.49 -20.56 6.34
N GLU A 132 -11.50 -21.85 6.58
CA GLU A 132 -10.80 -22.80 5.69
C GLU A 132 -11.76 -23.32 4.59
N TRP A 133 -11.21 -23.45 3.37
CA TRP A 133 -11.91 -24.07 2.22
C TRP A 133 -11.24 -25.40 1.93
N VAL A 134 -12.05 -26.43 1.70
CA VAL A 134 -11.57 -27.81 1.56
C VAL A 134 -11.93 -28.34 0.17
N TRP A 135 -10.92 -28.85 -0.52
CA TRP A 135 -11.10 -29.68 -1.74
C TRP A 135 -10.45 -31.03 -1.52
N ASP A 136 -11.22 -32.14 -1.39
CA ASP A 136 -10.65 -33.51 -1.19
C ASP A 136 -10.76 -34.27 -2.50
N SER A 137 -11.79 -34.04 -3.31
CA SER A 137 -11.95 -34.70 -4.63
C SER A 137 -13.02 -33.98 -5.44
N PRO A 138 -13.11 -34.29 -6.76
CA PRO A 138 -14.08 -33.66 -7.64
C PRO A 138 -15.53 -34.01 -7.29
N SER A 139 -15.78 -35.22 -6.79
CA SER A 139 -17.15 -35.68 -6.46
C SER A 139 -17.76 -34.67 -5.47
N THR A 140 -17.07 -34.35 -4.39
CA THR A 140 -17.61 -33.48 -3.32
C THR A 140 -17.29 -31.99 -3.60
N GLY A 141 -16.20 -31.66 -4.35
CA GLY A 141 -15.75 -30.28 -4.62
C GLY A 141 -15.43 -29.44 -3.36
N TRP A 142 -15.45 -28.12 -3.52
CA TRP A 142 -15.16 -27.16 -2.45
C TRP A 142 -16.21 -27.24 -1.35
N THR A 143 -15.80 -27.49 -0.10
CA THR A 143 -16.65 -27.35 1.13
C THR A 143 -15.98 -26.47 2.19
N ALA A 144 -16.73 -26.05 3.20
CA ALA A 144 -16.17 -25.38 4.37
C ALA A 144 -15.46 -26.42 5.24
N GLY A 145 -14.21 -26.12 5.60
CA GLY A 145 -13.52 -26.72 6.75
C GLY A 145 -13.68 -25.84 7.95
N ALA A 146 -12.63 -25.76 8.75
CA ALA A 146 -12.64 -25.10 10.07
C ALA A 146 -12.70 -23.60 9.90
N ASN A 147 -13.28 -22.93 10.89
CA ASN A 147 -13.31 -21.45 11.03
C ASN A 147 -12.52 -21.15 12.29
N PHE A 148 -11.45 -20.38 12.20
CA PHE A 148 -10.56 -20.15 13.36
C PHE A 148 -11.06 -18.97 14.17
N GLY A 149 -12.21 -18.40 13.91
CA GLY A 149 -12.67 -17.26 14.74
C GLY A 149 -12.04 -15.91 14.38
N ALA A 150 -12.29 -14.92 15.25
CA ALA A 150 -12.04 -13.48 15.02
C ALA A 150 -10.55 -13.26 14.80
N ALA A 151 -10.19 -12.47 13.78
CA ALA A 151 -8.78 -12.13 13.42
C ALA A 151 -8.79 -10.66 13.06
N LEU A 152 -7.61 -10.03 13.14
CA LEU A 152 -7.49 -8.61 12.81
C LEU A 152 -8.03 -8.43 11.41
N PRO A 153 -8.87 -7.40 11.16
CA PRO A 153 -9.31 -7.08 9.82
C PRO A 153 -8.13 -6.74 8.92
N GLY A 154 -7.96 -7.48 7.84
CA GLY A 154 -6.89 -7.24 6.86
C GLY A 154 -5.67 -8.09 7.14
N THR A 155 -5.70 -8.93 8.17
CA THR A 155 -4.51 -9.69 8.62
C THR A 155 -3.89 -10.41 7.38
N ALA A 156 -2.56 -10.52 7.37
CA ALA A 156 -1.87 -11.43 6.46
C ALA A 156 -2.28 -12.83 6.91
N ILE A 157 -2.16 -13.78 6.01
CA ILE A 157 -2.48 -15.19 6.27
C ILE A 157 -1.40 -15.97 5.59
N ALA A 158 -0.75 -16.85 6.34
CA ALA A 158 0.44 -17.57 5.86
C ALA A 158 0.20 -19.03 6.22
N ALA A 159 0.26 -19.92 5.25
CA ALA A 159 -0.07 -21.32 5.52
C ALA A 159 1.07 -22.18 4.99
N THR A 160 1.35 -23.30 5.67
CA THR A 160 2.37 -24.31 5.24
C THR A 160 1.87 -25.65 5.74
N SER A 161 2.23 -26.69 5.00
CA SER A 161 1.90 -28.11 5.32
C SER A 161 3.07 -29.06 5.05
N TRP A 162 3.17 -30.11 5.84
CA TRP A 162 4.13 -31.20 5.60
C TRP A 162 3.45 -32.49 6.05
N GLY A 163 3.91 -33.61 5.51
CA GLY A 163 3.43 -34.92 5.93
C GLY A 163 2.21 -35.33 5.18
N ALA A 164 1.81 -36.56 5.42
CA ALA A 164 0.58 -37.20 4.93
C ALA A 164 0.29 -38.29 5.94
N GLY A 165 -0.97 -38.61 6.13
CA GLY A 165 -1.39 -39.72 7.01
C GLY A 165 -0.74 -39.63 8.38
N PRO A 166 -0.96 -38.57 9.16
CA PRO A 166 -1.90 -37.51 8.81
C PRO A 166 -1.17 -36.34 8.15
N TYR A 167 -1.91 -35.34 7.65
CA TYR A 167 -1.28 -34.07 7.20
C TYR A 167 -1.05 -33.15 8.42
N HIS A 168 -0.04 -32.30 8.33
CA HIS A 168 0.31 -31.29 9.39
C HIS A 168 0.20 -29.91 8.74
N ILE A 169 -0.64 -29.04 9.32
CA ILE A 169 -0.90 -27.72 8.72
C ILE A 169 -0.64 -26.70 9.78
N ARG A 170 0.05 -25.60 9.41
CA ARG A 170 0.09 -24.44 10.35
C ARG A 170 -0.39 -23.25 9.55
N VAL A 171 -1.27 -22.47 10.15
CA VAL A 171 -1.75 -21.17 9.60
C VAL A 171 -1.44 -20.07 10.59
N TYR A 172 -0.67 -19.09 10.14
CA TYR A 172 -0.28 -17.87 10.90
C TYR A 172 -1.16 -16.70 10.44
N PHE A 173 -1.65 -15.89 11.37
CA PHE A 173 -2.47 -14.69 11.11
C PHE A 173 -2.50 -13.83 12.38
N GLN A 174 -3.00 -12.61 12.31
CA GLN A 174 -3.02 -11.68 13.48
C GLN A 174 -4.37 -11.81 14.18
N ASP A 175 -4.39 -11.85 15.50
CA ASP A 175 -5.61 -11.82 16.32
C ASP A 175 -6.08 -10.37 16.40
N THR A 176 -7.20 -10.07 17.03
CA THR A 176 -7.74 -8.69 17.11
C THR A 176 -6.92 -7.85 18.10
N ASN A 177 -5.99 -8.40 18.88
CA ASN A 177 -5.03 -7.59 19.71
C ASN A 177 -3.63 -7.42 19.07
N ARG A 178 -3.53 -7.66 17.75
CA ARG A 178 -2.38 -7.44 16.84
C ARG A 178 -1.31 -8.50 17.06
N ASN A 179 -1.60 -9.55 17.80
CA ASN A 179 -0.59 -10.63 18.00
C ASN A 179 -0.56 -11.57 16.79
N VAL A 180 0.61 -11.99 16.34
CA VAL A 180 0.71 -13.03 15.32
C VAL A 180 0.59 -14.36 16.10
N ILE A 181 -0.45 -15.15 15.81
CA ILE A 181 -0.77 -16.45 16.45
C ILE A 181 -0.74 -17.50 15.34
N GLU A 182 -0.93 -18.73 15.75
CA GLU A 182 -0.73 -19.88 14.88
C GLU A 182 -1.90 -20.81 15.14
N SER A 183 -2.58 -21.24 14.09
CA SER A 183 -3.62 -22.30 14.12
C SER A 183 -2.93 -23.60 13.61
N GLY A 184 -3.00 -24.66 14.39
CA GLY A 184 -2.30 -25.89 13.98
C GLY A 184 -3.25 -27.06 13.86
N TRP A 185 -2.91 -27.98 12.95
CA TRP A 185 -3.61 -29.26 12.74
C TRP A 185 -2.60 -30.38 12.53
N ASP A 186 -2.71 -31.47 13.31
CA ASP A 186 -1.90 -32.71 13.20
C ASP A 186 -2.81 -33.95 13.14
N GLY A 187 -4.03 -33.78 12.69
CA GLY A 187 -4.92 -34.93 12.44
C GLY A 187 -6.03 -35.08 13.47
N SER A 188 -5.96 -34.31 14.57
CA SER A 188 -6.85 -34.44 15.74
C SER A 188 -7.42 -33.08 16.07
N GLY A 189 -7.92 -32.34 15.11
CA GLY A 189 -8.56 -31.04 15.43
C GLY A 189 -7.59 -29.86 15.36
N TRP A 190 -8.10 -28.68 15.21
CA TRP A 190 -7.29 -27.44 15.10
C TRP A 190 -7.03 -26.95 16.50
N TYR A 191 -5.82 -26.44 16.77
CA TYR A 191 -5.48 -25.92 18.13
C TYR A 191 -4.80 -24.60 17.94
N THR A 192 -4.62 -23.89 19.04
CA THR A 192 -3.76 -22.68 19.12
C THR A 192 -2.34 -23.12 19.38
N GLY A 193 -1.41 -22.75 18.52
CA GLY A 193 -0.04 -23.26 18.54
C GLY A 193 0.84 -22.54 19.53
N GLY A 194 2.08 -23.02 19.66
CA GLY A 194 3.14 -22.35 20.45
C GLY A 194 3.58 -20.96 19.97
N LEU A 195 3.41 -20.61 18.68
CA LEU A 195 3.97 -19.39 18.04
C LEU A 195 3.06 -18.22 18.40
N LYS A 196 3.66 -17.16 18.93
CA LYS A 196 3.00 -15.87 19.30
C LYS A 196 4.06 -14.77 19.22
N ILE A 197 3.83 -13.80 18.32
CA ILE A 197 4.62 -12.53 18.20
C ILE A 197 3.70 -11.42 18.72
N SER A 198 3.97 -10.92 19.91
CA SER A 198 3.11 -9.92 20.59
C SER A 198 2.99 -8.61 19.79
N ASN A 199 1.79 -8.05 19.86
CA ASN A 199 1.54 -6.63 19.56
C ASN A 199 2.37 -6.21 18.33
N GLN A 200 2.15 -6.82 17.17
CA GLN A 200 2.79 -6.40 15.92
C GLN A 200 1.93 -5.35 15.22
N SER A 201 2.49 -4.82 14.14
CA SER A 201 1.93 -3.74 13.30
C SER A 201 0.66 -4.26 12.65
N PRO A 202 -0.46 -3.49 12.58
CA PRO A 202 -1.69 -3.96 11.93
C PRO A 202 -1.47 -4.41 10.49
N ARG A 203 -1.85 -5.63 10.24
CA ARG A 203 -1.75 -6.23 8.90
C ARG A 203 -0.29 -6.41 8.52
N ALA A 204 0.61 -6.54 9.47
CA ALA A 204 2.01 -6.89 9.19
C ALA A 204 2.09 -8.12 8.26
N SER A 205 2.86 -8.05 7.19
CA SER A 205 3.01 -9.11 6.17
C SER A 205 3.51 -10.39 6.85
N LEU A 206 3.18 -11.53 6.28
CA LEU A 206 3.55 -12.85 6.77
C LEU A 206 3.80 -13.77 5.58
N GLY A 207 4.82 -14.61 5.73
CA GLY A 207 5.26 -15.63 4.79
C GLY A 207 5.78 -16.85 5.56
N ALA A 208 5.42 -18.05 5.14
CA ALA A 208 5.86 -19.32 5.75
C ALA A 208 6.40 -20.27 4.68
N THR A 209 7.33 -21.09 5.13
CA THR A 209 7.77 -22.31 4.44
C THR A 209 8.12 -23.38 5.52
N SER A 210 8.22 -24.61 5.06
CA SER A 210 8.49 -25.76 5.92
C SER A 210 9.16 -26.85 5.08
N TRP A 211 9.93 -27.70 5.74
CA TRP A 211 10.64 -28.80 5.11
C TRP A 211 10.76 -29.89 6.17
N GLY A 212 11.20 -31.10 5.77
CA GLY A 212 11.28 -32.25 6.66
C GLY A 212 9.91 -32.85 6.95
N GLU A 213 9.84 -33.63 8.02
CA GLU A 213 8.68 -34.36 8.57
C GLU A 213 8.72 -34.12 10.08
N SER A 214 7.59 -34.29 10.74
CA SER A 214 7.49 -34.29 12.24
C SER A 214 8.66 -35.10 12.85
N GLY A 215 9.22 -34.63 13.97
CA GLY A 215 10.46 -35.16 14.57
C GLY A 215 11.68 -34.29 14.24
N SER A 216 12.85 -34.94 14.06
CA SER A 216 14.14 -34.21 14.04
C SER A 216 14.30 -33.40 12.74
N SER A 217 13.91 -33.94 11.58
CA SER A 217 14.15 -33.30 10.26
C SER A 217 13.32 -32.03 10.05
N LEU A 218 12.29 -31.80 10.89
CA LEU A 218 11.25 -30.75 10.64
C LEU A 218 11.87 -29.34 10.67
N GLY A 219 11.55 -28.52 9.68
CA GLY A 219 11.82 -27.07 9.78
C GLY A 219 10.60 -26.26 9.39
N ILE A 220 10.42 -25.13 10.04
CA ILE A 220 9.39 -24.13 9.70
C ILE A 220 10.08 -22.79 9.81
N ARG A 221 9.85 -21.92 8.84
CA ARG A 221 10.28 -20.50 8.92
C ARG A 221 9.06 -19.59 8.68
N LEU A 222 8.87 -18.61 9.55
CA LEU A 222 7.80 -17.59 9.46
C LEU A 222 8.46 -16.20 9.37
N TYR A 223 8.35 -15.54 8.21
CA TYR A 223 8.88 -14.19 7.89
C TYR A 223 7.77 -13.21 8.22
N TYR A 224 8.10 -12.10 8.88
CA TYR A 224 7.09 -11.16 9.42
C TYR A 224 7.67 -9.79 9.37
N ALA A 225 6.82 -8.83 9.04
CA ALA A 225 7.08 -7.40 9.10
C ALA A 225 7.19 -6.91 10.57
N THR A 226 8.26 -6.17 10.83
CA THR A 226 8.41 -5.32 12.04
C THR A 226 7.88 -3.93 11.76
N GLN A 227 7.66 -3.13 12.81
CA GLN A 227 7.04 -1.79 12.64
C GLN A 227 8.05 -0.84 12.01
N ASP A 228 9.26 -1.31 11.74
CA ASP A 228 10.44 -0.49 11.33
C ASP A 228 10.77 -0.75 9.84
N ASN A 229 9.90 -1.47 9.14
CA ASN A 229 10.09 -1.92 7.73
C ASN A 229 11.30 -2.82 7.68
N LEU A 230 11.50 -3.67 8.69
CA LEU A 230 12.25 -4.94 8.48
C LEU A 230 11.32 -6.15 8.22
N ILE A 231 11.89 -7.16 7.60
CA ILE A 231 11.30 -8.51 7.58
C ILE A 231 12.23 -9.35 8.43
N LYS A 232 11.72 -9.92 9.53
CA LYS A 232 12.49 -10.83 10.40
C LYS A 232 11.95 -12.26 10.28
N GLU A 233 12.52 -13.18 11.05
CA GLU A 233 12.33 -14.64 10.88
C GLU A 233 12.20 -15.27 12.25
N LYS A 234 11.13 -16.02 12.42
CA LYS A 234 10.96 -16.95 13.54
C LYS A 234 11.29 -18.30 12.97
N ALA A 235 12.02 -19.17 13.72
CA ALA A 235 12.41 -20.49 13.18
C ALA A 235 12.08 -21.59 14.16
N TRP A 236 11.74 -22.76 13.58
CA TRP A 236 11.48 -24.01 14.34
C TRP A 236 12.22 -25.16 13.66
N ASP A 237 12.97 -25.96 14.44
CA ASP A 237 13.72 -27.13 13.93
C ASP A 237 13.44 -28.32 14.85
N GLY A 238 13.30 -29.52 14.28
CA GLY A 238 12.98 -30.75 14.98
C GLY A 238 11.90 -30.50 16.05
N GLY A 239 12.28 -30.77 17.29
CA GLY A 239 11.42 -30.80 18.48
C GLY A 239 11.19 -29.39 18.98
N GLY A 240 11.90 -28.44 18.45
CA GLY A 240 11.40 -27.09 18.63
C GLY A 240 12.07 -26.27 19.70
N GLY A 241 11.26 -25.29 20.06
CA GLY A 241 11.58 -24.02 20.69
C GLY A 241 11.54 -23.08 19.50
N TRP A 242 10.53 -22.23 19.39
CA TRP A 242 10.60 -21.12 18.41
C TRP A 242 11.81 -20.26 18.80
N TYR A 243 12.55 -19.76 17.84
CA TYR A 243 13.62 -18.77 18.13
C TYR A 243 13.66 -17.69 17.04
N ASP A 244 14.35 -16.61 17.32
CA ASP A 244 14.66 -15.52 16.37
C ASP A 244 15.79 -15.99 15.47
N GLY A 245 15.51 -16.17 14.18
CA GLY A 245 16.48 -16.58 13.15
C GLY A 245 17.31 -15.39 12.70
N GLY A 246 18.32 -15.66 11.88
CA GLY A 246 19.33 -14.67 11.45
C GLY A 246 18.83 -13.77 10.36
N PHE A 247 17.81 -14.16 9.61
CA PHE A 247 17.25 -13.34 8.51
C PHE A 247 16.68 -12.04 9.02
N GLN A 248 17.25 -10.93 8.54
CA GLN A 248 16.78 -9.58 8.84
C GLN A 248 17.10 -8.69 7.62
N GLN A 249 16.07 -8.09 7.03
CA GLN A 249 16.23 -7.26 5.81
C GLN A 249 15.23 -6.08 5.87
N ARG A 250 15.75 -4.91 5.52
CA ARG A 250 14.99 -3.72 5.21
C ARG A 250 14.12 -3.98 3.97
N SER A 251 12.90 -3.46 4.02
CA SER A 251 11.88 -3.57 2.96
C SER A 251 11.25 -2.17 2.77
N ILE A 252 10.54 -1.95 1.68
CA ILE A 252 9.64 -0.81 1.43
C ILE A 252 8.49 -0.91 2.43
N PRO A 253 7.79 0.19 2.77
CA PRO A 253 6.63 0.09 3.62
C PRO A 253 5.64 -0.87 2.94
N GLY A 254 5.16 -1.84 3.72
CA GLY A 254 4.09 -2.75 3.33
C GLY A 254 4.60 -3.93 2.52
N SER A 255 5.89 -4.13 2.28
CA SER A 255 6.36 -5.29 1.47
C SER A 255 5.72 -6.61 1.95
N ARG A 256 5.17 -7.37 1.03
CA ARG A 256 4.77 -8.77 1.30
C ARG A 256 6.08 -9.51 1.34
N VAL A 257 6.04 -10.77 1.67
CA VAL A 257 7.26 -11.67 1.63
C VAL A 257 6.80 -13.09 1.31
N ALA A 258 7.61 -13.83 0.57
CA ALA A 258 7.33 -15.22 0.23
C ALA A 258 8.65 -15.99 0.35
N ALA A 259 8.57 -17.26 0.71
CA ALA A 259 9.71 -18.13 1.04
C ALA A 259 9.50 -19.45 0.34
N ILE A 260 10.56 -20.06 -0.07
CA ILE A 260 10.49 -21.44 -0.57
C ILE A 260 11.49 -22.18 0.32
N PRO A 261 11.29 -23.46 0.56
CA PRO A 261 12.07 -24.13 1.61
C PRO A 261 13.44 -24.75 1.23
N LEU A 262 14.26 -24.94 2.24
CA LEU A 262 15.55 -25.68 2.22
C LEU A 262 15.28 -27.06 1.63
N PRO A 263 16.18 -27.64 0.82
CA PRO A 263 17.50 -27.07 0.53
C PRO A 263 17.67 -25.97 -0.54
N VAL A 264 16.59 -25.35 -1.03
CA VAL A 264 16.64 -24.07 -1.81
C VAL A 264 15.85 -22.97 -1.08
N LEU A 265 16.36 -22.56 0.08
CA LEU A 265 15.68 -21.62 0.97
C LEU A 265 15.91 -20.25 0.36
N ARG A 266 14.85 -19.64 -0.16
CA ARG A 266 14.87 -18.30 -0.83
C ARG A 266 13.74 -17.49 -0.21
N VAL A 267 13.96 -16.19 -0.12
CA VAL A 267 12.98 -15.25 0.46
C VAL A 267 12.87 -14.06 -0.47
N TYR A 268 11.64 -13.67 -0.80
CA TYR A 268 11.34 -12.68 -1.84
C TYR A 268 10.67 -11.52 -1.14
N LEU A 269 11.16 -10.30 -1.34
CA LEU A 269 10.48 -9.08 -0.82
C LEU A 269 10.81 -7.89 -1.71
N GLN A 270 10.25 -6.72 -1.39
CA GLN A 270 10.55 -5.46 -2.11
C GLN A 270 11.33 -4.57 -1.13
N ASN A 271 12.58 -4.21 -1.46
CA ASN A 271 13.50 -3.39 -0.61
C ASN A 271 13.78 -2.07 -1.31
N GLY A 272 13.24 -1.85 -2.52
CA GLY A 272 13.32 -0.58 -3.26
C GLY A 272 14.11 -0.70 -4.55
N THR A 273 14.74 -1.83 -4.78
CA THR A 273 15.59 -2.05 -5.97
C THR A 273 14.73 -1.85 -7.23
N GLU A 274 15.17 -0.94 -8.11
CA GLU A 274 14.50 -0.50 -9.34
C GLU A 274 13.10 0.00 -8.96
N VAL A 275 12.98 0.61 -7.78
CA VAL A 275 11.72 1.12 -7.16
C VAL A 275 10.76 -0.04 -6.79
N SER A 276 10.17 -0.72 -7.76
CA SER A 276 9.03 -1.61 -7.54
C SER A 276 9.51 -3.06 -7.65
N GLY A 277 10.79 -3.27 -7.90
CA GLY A 277 11.31 -4.61 -8.23
C GLY A 277 11.33 -5.48 -7.01
N ILE A 278 11.20 -6.79 -7.21
CA ILE A 278 11.38 -7.84 -6.14
C ILE A 278 12.84 -8.36 -6.06
N THR A 279 13.33 -8.53 -4.84
CA THR A 279 14.69 -9.00 -4.53
C THR A 279 14.59 -10.41 -3.98
N GLU A 280 15.55 -11.28 -4.32
CA GLU A 280 15.68 -12.68 -3.82
C GLU A 280 16.84 -12.73 -2.85
N TYR A 281 16.59 -13.25 -1.67
CA TYR A 281 17.63 -13.63 -0.71
C TYR A 281 17.73 -15.16 -0.69
N ALA A 282 18.94 -15.64 -0.52
CA ALA A 282 19.25 -17.08 -0.57
C ALA A 282 20.05 -17.44 0.67
N TRP A 283 19.63 -18.50 1.34
CA TRP A 283 20.47 -19.18 2.33
C TRP A 283 21.50 -20.07 1.61
N ASN A 284 22.77 -19.81 1.88
CA ASN A 284 23.91 -20.67 1.49
C ASN A 284 24.91 -20.59 2.65
N SER A 285 24.66 -21.33 3.71
CA SER A 285 25.42 -21.25 4.99
C SER A 285 25.50 -19.78 5.42
N GLY A 286 24.43 -19.02 5.28
CA GLY A 286 24.44 -17.57 5.51
C GLY A 286 23.61 -16.92 4.44
N TRP A 287 23.01 -15.80 4.79
CA TRP A 287 22.12 -15.05 3.88
C TRP A 287 23.01 -14.27 2.89
N VAL A 288 22.67 -14.34 1.63
CA VAL A 288 23.31 -13.59 0.53
C VAL A 288 22.21 -13.08 -0.41
N VAL A 289 22.57 -12.18 -1.33
CA VAL A 289 21.66 -11.73 -2.41
C VAL A 289 21.66 -12.85 -3.44
N GLY A 290 20.53 -13.53 -3.57
CA GLY A 290 20.32 -14.59 -4.57
C GLY A 290 20.20 -14.02 -5.96
N GLN A 291 19.48 -12.89 -6.06
CA GLN A 291 19.19 -12.14 -7.31
C GLN A 291 18.70 -10.78 -6.90
N ALA A 292 19.33 -9.71 -7.35
CA ALA A 292 19.13 -8.34 -6.83
C ALA A 292 17.70 -7.89 -7.17
N VAL A 293 17.24 -8.22 -8.38
CA VAL A 293 15.88 -7.87 -8.90
C VAL A 293 15.33 -8.93 -9.87
N LEU A 294 14.13 -9.37 -9.61
CA LEU A 294 13.46 -10.43 -10.40
C LEU A 294 12.88 -9.82 -11.70
N PRO A 295 12.60 -10.66 -12.71
CA PRO A 295 11.92 -10.23 -13.92
C PRO A 295 10.60 -9.57 -13.49
N PRO A 296 10.02 -8.64 -14.27
CA PRO A 296 10.43 -8.34 -15.63
C PRO A 296 11.59 -7.33 -15.69
N ALA A 297 12.25 -7.08 -14.57
CA ALA A 297 13.51 -6.33 -14.55
C ALA A 297 14.62 -7.28 -15.02
N SER B 4 -16.28 -0.60 11.84
CA SER B 4 -17.31 -1.23 10.90
C SER B 4 -17.27 -0.48 9.55
N GLY B 5 -17.80 0.75 9.55
CA GLY B 5 -17.76 1.64 8.38
C GLY B 5 -16.35 2.13 8.09
N VAL B 6 -15.49 2.18 9.11
CA VAL B 6 -14.09 2.68 9.03
C VAL B 6 -13.22 1.65 8.34
N LEU B 7 -13.64 0.43 8.35
CA LEU B 7 -12.89 -0.64 7.66
C LEU B 7 -13.03 -0.52 6.14
N GLN B 8 -13.93 0.34 5.67
CA GLN B 8 -14.09 0.61 4.22
C GLN B 8 -12.98 1.56 3.75
N ILE B 9 -12.23 2.21 4.64
CA ILE B 9 -11.10 3.13 4.28
C ILE B 9 -9.86 2.31 3.92
N SER B 10 -9.25 2.65 2.79
CA SER B 10 -8.01 2.05 2.26
C SER B 10 -6.89 2.00 3.32
N PHE B 11 -5.98 1.08 3.11
CA PHE B 11 -4.82 0.80 4.00
C PHE B 11 -3.59 0.64 3.10
N PRO B 12 -2.83 1.71 2.74
CA PRO B 12 -3.10 3.08 3.18
C PRO B 12 -3.99 3.88 2.20
N ALA B 13 -4.54 5.00 2.65
CA ALA B 13 -5.56 5.79 1.91
C ALA B 13 -4.93 7.13 1.49
N GLY B 14 -5.18 7.62 0.24
CA GLY B 14 -5.02 9.03 -0.14
C GLY B 14 -5.80 9.91 0.83
N ILE B 15 -5.21 11.02 1.24
CA ILE B 15 -5.74 11.95 2.26
C ILE B 15 -5.56 13.35 1.70
N ALA B 16 -6.61 14.16 1.75
CA ALA B 16 -6.55 15.60 1.44
C ALA B 16 -7.37 16.41 2.46
N ALA B 17 -6.91 17.59 2.84
CA ALA B 17 -7.61 18.45 3.83
C ALA B 17 -7.58 19.91 3.39
N ILE B 18 -8.67 20.62 3.61
CA ILE B 18 -8.82 22.06 3.39
C ILE B 18 -9.57 22.64 4.59
N ARG B 19 -9.70 23.96 4.72
CA ARG B 19 -10.48 24.56 5.82
C ARG B 19 -10.95 25.96 5.42
N ASN B 20 -12.15 26.33 5.86
CA ASN B 20 -12.66 27.73 5.88
C ASN B 20 -12.80 28.09 7.37
N ASN B 21 -11.87 28.89 7.89
CA ASN B 21 -11.80 29.22 9.35
C ASN B 21 -11.68 27.91 10.11
N SER B 22 -12.66 27.61 10.98
CA SER B 22 -12.61 26.39 11.80
C SER B 22 -13.53 25.32 11.22
N SER B 23 -14.12 25.53 10.04
CA SER B 23 -14.82 24.49 9.24
C SER B 23 -13.79 23.66 8.45
N LEU B 24 -13.73 22.36 8.67
CA LEU B 24 -12.76 21.47 7.96
C LEU B 24 -13.46 20.50 6.98
N ARG B 25 -12.71 20.09 5.96
CA ARG B 25 -13.07 18.98 5.07
C ARG B 25 -11.83 18.11 4.90
N VAL B 26 -12.00 16.79 5.07
CA VAL B 26 -10.92 15.77 4.89
C VAL B 26 -11.45 14.82 3.83
N TYR B 27 -10.68 14.55 2.80
CA TYR B 27 -11.04 13.62 1.69
C TYR B 27 -10.20 12.34 1.90
N GLU B 28 -10.85 11.20 2.07
CA GLU B 28 -10.17 9.90 2.36
C GLU B 28 -10.63 8.86 1.32
N ALA B 29 -9.70 8.07 0.80
CA ALA B 29 -10.02 7.04 -0.20
C ALA B 29 -10.58 5.77 0.51
N ALA B 30 -11.80 5.37 0.15
CA ALA B 30 -12.37 4.03 0.39
C ALA B 30 -11.63 2.98 -0.47
N LEU B 31 -11.75 1.72 -0.05
CA LEU B 31 -10.87 0.68 -0.58
C LEU B 31 -11.41 0.21 -1.93
N ASP B 32 -12.48 0.82 -2.40
CA ASP B 32 -13.00 0.65 -3.79
C ASP B 32 -12.71 1.91 -4.64
N GLY B 33 -11.86 2.84 -4.19
CA GLY B 33 -11.55 4.03 -5.00
C GLY B 33 -12.49 5.21 -4.70
N GLY B 34 -13.57 4.99 -3.98
CA GLY B 34 -14.47 6.04 -3.51
C GLY B 34 -13.77 7.20 -2.85
N VAL B 35 -14.01 8.44 -3.31
CA VAL B 35 -13.45 9.63 -2.64
C VAL B 35 -14.53 10.13 -1.70
N ARG B 36 -14.28 10.03 -0.38
CA ARG B 36 -15.23 10.38 0.71
C ARG B 36 -14.90 11.70 1.45
N GLU B 37 -15.95 12.42 1.80
CA GLU B 37 -15.83 13.70 2.49
C GLU B 37 -16.24 13.49 3.95
N ALA B 38 -15.33 13.76 4.88
CA ALA B 38 -15.63 13.99 6.29
C ALA B 38 -15.73 15.51 6.50
N GLN B 39 -16.74 15.98 7.23
CA GLN B 39 -17.04 17.40 7.54
C GLN B 39 -16.74 17.68 9.02
N TYR B 40 -16.12 18.82 9.37
CA TYR B 40 -16.02 19.32 10.77
C TYR B 40 -16.66 20.70 10.86
N GLU B 41 -17.86 20.74 11.47
CA GLU B 41 -18.72 21.93 11.71
C GLU B 41 -19.08 21.95 13.19
N GLY B 42 -18.07 22.05 14.07
CA GLY B 42 -18.23 21.99 15.54
C GLY B 42 -18.23 20.56 16.03
N ARG B 43 -18.41 19.59 15.13
CA ARG B 43 -18.30 18.15 15.42
C ARG B 43 -17.99 17.46 14.09
N TRP B 44 -17.53 16.21 14.16
CA TRP B 44 -17.07 15.48 12.96
C TRP B 44 -18.23 14.66 12.45
N ALA B 45 -18.43 14.64 11.13
CA ALA B 45 -19.45 13.79 10.48
C ALA B 45 -18.92 13.31 9.13
N GLY B 46 -19.72 12.54 8.42
CA GLY B 46 -19.44 12.13 7.04
C GLY B 46 -18.54 10.90 6.97
N GLY B 47 -17.94 10.70 5.82
CA GLY B 47 -17.05 9.56 5.55
C GLY B 47 -17.82 8.34 5.09
N LYS B 48 -19.12 8.44 4.86
CA LYS B 48 -19.97 7.23 4.64
C LYS B 48 -20.11 7.11 3.14
N PRO B 49 -20.62 5.99 2.61
CA PRO B 49 -20.88 5.84 1.18
C PRO B 49 -21.70 6.97 0.53
N ASP B 50 -22.70 7.51 1.20
CA ASP B 50 -23.44 8.66 0.63
C ASP B 50 -22.62 9.96 0.79
N ASN B 51 -21.37 9.93 1.27
CA ASN B 51 -20.42 11.07 1.24
C ASN B 51 -19.34 10.88 0.16
N VAL B 52 -19.54 9.99 -0.79
CA VAL B 52 -18.63 9.87 -1.95
C VAL B 52 -18.89 11.04 -2.91
N ILE B 53 -17.83 11.71 -3.36
CA ILE B 53 -17.96 12.80 -4.35
C ILE B 53 -17.46 12.31 -5.71
N ALA B 54 -16.81 11.15 -5.80
CA ALA B 54 -16.18 10.62 -7.03
C ALA B 54 -15.50 9.28 -6.72
N THR B 55 -15.25 8.46 -7.74
CA THR B 55 -14.68 7.10 -7.60
C THR B 55 -13.48 6.98 -8.52
N GLY B 56 -12.30 6.77 -7.97
CA GLY B 56 -11.08 6.51 -8.76
C GLY B 56 -10.72 5.04 -8.71
N LYS B 57 -9.49 4.75 -9.11
CA LYS B 57 -8.93 3.39 -8.99
C LYS B 57 -8.62 3.17 -7.52
N ILE B 58 -8.56 1.90 -7.16
CA ILE B 58 -8.13 1.53 -5.82
C ILE B 58 -6.70 2.07 -5.70
N GLY B 59 -6.43 2.76 -4.58
CA GLY B 59 -5.14 3.40 -4.24
C GLY B 59 -4.99 4.77 -4.88
N THR B 60 -6.10 5.34 -5.44
CA THR B 60 -6.11 6.70 -6.03
C THR B 60 -5.43 7.62 -5.01
N PRO B 61 -4.52 8.52 -5.49
CA PRO B 61 -4.17 9.72 -4.72
C PRO B 61 -5.35 10.71 -4.63
N ILE B 62 -5.31 11.60 -3.67
CA ILE B 62 -6.32 12.67 -3.58
C ILE B 62 -5.53 13.92 -3.28
N ALA B 63 -5.86 14.98 -4.04
CA ALA B 63 -5.41 16.39 -3.85
C ALA B 63 -6.65 17.20 -3.61
N ALA B 64 -6.57 18.18 -2.74
CA ALA B 64 -7.71 19.11 -2.53
C ALA B 64 -7.24 20.53 -2.19
N THR B 65 -7.97 21.47 -2.77
CA THR B 65 -7.63 22.89 -2.72
C THR B 65 -8.95 23.66 -2.73
N SER B 66 -8.98 24.83 -2.12
CA SER B 66 -10.23 25.61 -1.94
C SER B 66 -9.90 27.10 -1.88
N VAL B 67 -10.88 27.93 -2.19
CA VAL B 67 -10.89 29.39 -1.87
C VAL B 67 -12.06 29.55 -0.92
N GLY B 68 -11.78 29.50 0.38
CA GLY B 68 -12.85 29.36 1.39
C GLY B 68 -13.56 28.07 1.15
N PHE B 69 -14.89 28.10 1.21
CA PHE B 69 -15.76 26.94 0.81
C PHE B 69 -16.64 27.38 -0.37
N GLN B 70 -16.31 28.53 -0.97
CA GLN B 70 -17.00 29.06 -2.18
C GLN B 70 -16.65 28.18 -3.37
N TYR B 71 -15.42 27.65 -3.37
CA TYR B 71 -14.81 26.91 -4.50
C TYR B 71 -13.93 25.80 -3.95
N ILE B 72 -14.29 24.56 -4.24
CA ILE B 72 -13.47 23.37 -3.85
C ILE B 72 -13.18 22.56 -5.11
N ARG B 73 -11.93 22.13 -5.23
CA ARG B 73 -11.52 21.27 -6.35
C ARG B 73 -10.86 20.05 -5.73
N VAL B 74 -11.29 18.84 -6.15
CA VAL B 74 -10.73 17.57 -5.62
C VAL B 74 -10.31 16.72 -6.82
N TYR B 75 -9.06 16.26 -6.83
CA TYR B 75 -8.39 15.55 -7.96
C TYR B 75 -8.09 14.12 -7.52
N TYR B 76 -8.33 13.19 -8.45
CA TYR B 76 -8.16 11.73 -8.26
C TYR B 76 -7.84 11.10 -9.63
N VAL B 77 -7.36 9.88 -9.63
CA VAL B 77 -7.00 9.08 -10.83
C VAL B 77 -8.09 7.99 -11.02
N GLY B 78 -8.58 7.84 -12.21
CA GLY B 78 -9.59 6.82 -12.49
C GLY B 78 -8.89 5.53 -12.82
N ALA B 79 -9.69 4.49 -13.07
CA ALA B 79 -9.22 3.16 -13.46
C ALA B 79 -8.52 3.27 -14.80
N ASP B 80 -8.74 4.35 -15.57
CA ASP B 80 -8.17 4.46 -16.94
C ASP B 80 -6.86 5.25 -16.91
N ASN B 81 -6.34 5.60 -15.74
CA ASN B 81 -5.04 6.28 -15.64
C ASN B 81 -5.18 7.67 -16.22
N LYS B 82 -6.26 8.29 -15.80
CA LYS B 82 -6.60 9.66 -16.16
C LYS B 82 -6.91 10.40 -14.83
N ALA B 83 -6.13 11.43 -14.52
CA ALA B 83 -6.44 12.30 -13.38
C ALA B 83 -7.73 13.10 -13.65
N ARG B 84 -8.67 13.16 -12.69
CA ARG B 84 -10.02 13.76 -12.95
C ARG B 84 -10.38 14.63 -11.74
N GLU B 85 -11.45 15.40 -11.88
CA GLU B 85 -11.73 16.50 -10.91
C GLU B 85 -13.21 16.47 -10.50
N ALA B 86 -13.46 16.65 -9.22
CA ALA B 86 -14.80 16.87 -8.67
C ALA B 86 -14.88 18.30 -8.18
N CYS B 87 -15.91 19.04 -8.56
CA CYS B 87 -15.90 20.49 -8.25
C CYS B 87 -17.02 20.88 -7.31
N TRP B 88 -16.79 21.92 -6.53
CA TRP B 88 -17.85 22.54 -5.73
C TRP B 88 -17.77 24.07 -5.86
N ASP B 89 -18.88 24.68 -6.28
CA ASP B 89 -18.98 26.13 -6.52
C ASP B 89 -20.06 26.71 -5.58
N GLY B 90 -20.39 26.02 -4.49
CA GLY B 90 -21.37 26.49 -3.47
C GLY B 90 -22.82 26.02 -3.67
N LYS B 91 -23.10 25.18 -4.69
CA LYS B 91 -24.48 24.81 -5.11
C LYS B 91 -24.56 23.31 -5.45
N GLY B 92 -23.52 22.48 -5.25
CA GLY B 92 -23.60 21.03 -5.49
C GLY B 92 -22.41 20.49 -6.25
N TRP B 93 -22.07 19.22 -6.04
CA TRP B 93 -20.81 18.62 -6.60
C TRP B 93 -21.02 18.25 -8.06
N TYR B 94 -20.13 18.68 -8.94
CA TYR B 94 -20.22 18.31 -10.37
C TYR B 94 -18.85 17.86 -10.89
N THR B 95 -18.85 17.37 -12.12
CA THR B 95 -17.65 16.83 -12.81
C THR B 95 -16.89 17.98 -13.45
N GLY B 96 -15.63 18.15 -13.06
CA GLY B 96 -14.75 19.16 -13.65
C GLY B 96 -14.26 18.79 -15.05
N ALA B 97 -13.86 19.83 -15.80
CA ALA B 97 -13.35 19.77 -17.18
C ALA B 97 -11.94 19.17 -17.20
N PHE B 98 -11.27 19.09 -16.07
CA PHE B 98 -9.90 18.55 -15.99
C PHE B 98 -9.94 17.03 -16.15
N VAL B 99 -9.45 16.54 -17.29
CA VAL B 99 -9.23 15.09 -17.51
C VAL B 99 -7.90 14.93 -18.21
N LYS B 100 -6.85 14.45 -17.54
CA LYS B 100 -5.49 14.41 -18.10
C LYS B 100 -4.87 13.05 -17.87
N ASP B 101 -4.17 12.56 -18.88
CA ASP B 101 -3.47 11.27 -18.87
C ASP B 101 -2.38 11.40 -17.85
N VAL B 102 -2.17 10.37 -17.02
CA VAL B 102 -1.10 10.30 -15.97
C VAL B 102 -0.51 8.88 -15.97
N ALA B 103 0.73 8.78 -15.57
CA ALA B 103 1.33 7.47 -15.30
C ALA B 103 0.38 6.76 -14.35
N PRO B 104 0.37 5.42 -14.38
CA PRO B 104 -0.56 4.67 -13.53
C PRO B 104 -0.36 4.92 -12.03
N TYR B 105 0.87 5.16 -11.60
CA TYR B 105 1.28 5.38 -10.17
C TYR B 105 1.38 6.87 -9.83
N SER B 106 0.78 7.77 -10.62
CA SER B 106 0.92 9.23 -10.43
C SER B 106 0.19 9.69 -9.18
N SER B 107 0.84 10.59 -8.46
CA SER B 107 0.26 11.42 -7.39
C SER B 107 -0.37 12.68 -8.01
N ILE B 108 -0.90 13.54 -7.16
CA ILE B 108 -1.54 14.82 -7.51
C ILE B 108 -1.26 15.86 -6.43
N GLY B 109 -0.86 17.03 -6.89
CA GLY B 109 -0.83 18.26 -6.09
C GLY B 109 -1.64 19.29 -6.82
N ALA B 110 -2.36 20.08 -6.10
CA ALA B 110 -3.27 21.06 -6.71
C ALA B 110 -3.30 22.32 -5.83
N VAL B 111 -3.28 23.50 -6.43
CA VAL B 111 -3.40 24.77 -5.65
C VAL B 111 -4.31 25.75 -6.41
N PHE B 112 -5.12 26.47 -5.66
CA PHE B 112 -5.64 27.80 -6.07
C PHE B 112 -4.52 28.86 -5.93
N LEU B 113 -4.48 29.79 -6.86
CA LEU B 113 -3.61 30.99 -6.89
C LEU B 113 -4.50 32.19 -6.57
N GLY B 114 -4.31 32.79 -5.40
CA GLY B 114 -5.11 33.95 -4.98
C GLY B 114 -6.59 33.56 -4.80
N LYS B 115 -7.48 34.56 -4.83
CA LYS B 115 -8.90 34.48 -4.39
C LYS B 115 -9.77 34.45 -5.65
N ASN B 116 -9.16 34.62 -6.81
CA ASN B 116 -9.91 34.47 -8.08
C ASN B 116 -9.83 32.97 -8.42
N ILE B 117 -10.53 32.56 -9.46
CA ILE B 117 -10.61 31.12 -9.87
C ILE B 117 -9.47 30.84 -10.85
N VAL B 118 -8.27 30.64 -10.29
CA VAL B 118 -7.01 30.31 -11.01
C VAL B 118 -6.42 29.03 -10.40
N VAL B 119 -6.09 28.00 -11.17
CA VAL B 119 -5.71 26.69 -10.56
C VAL B 119 -4.44 26.13 -11.22
N ARG B 120 -3.61 25.50 -10.41
CA ARG B 120 -2.43 24.72 -10.85
C ARG B 120 -2.55 23.29 -10.35
N VAL B 121 -2.35 22.33 -11.25
CA VAL B 121 -2.35 20.91 -10.85
C VAL B 121 -1.05 20.30 -11.31
N TYR B 122 -0.38 19.59 -10.41
CA TYR B 122 0.88 18.90 -10.67
C TYR B 122 0.63 17.39 -10.69
N THR B 123 1.02 16.75 -11.76
CA THR B 123 0.91 15.27 -11.95
C THR B 123 2.21 14.70 -12.53
N GLN B 124 2.33 13.39 -12.59
CA GLN B 124 3.51 12.75 -13.22
C GLN B 124 3.04 12.12 -14.54
N ASN B 125 3.62 12.49 -15.67
CA ASN B 125 3.29 11.97 -17.01
C ASN B 125 3.76 10.51 -17.15
N HIS B 126 3.34 9.86 -18.22
CA HIS B 126 3.81 8.51 -18.59
C HIS B 126 5.35 8.48 -18.64
N ASP B 127 5.99 9.54 -19.14
CA ASP B 127 7.49 9.59 -19.23
C ASP B 127 8.17 9.84 -17.87
N ASN B 128 7.39 9.96 -16.80
CA ASN B 128 7.90 10.08 -15.41
C ASN B 128 8.33 11.53 -15.11
N THR B 129 7.97 12.49 -15.94
CA THR B 129 8.26 13.93 -15.70
C THR B 129 7.12 14.51 -14.86
N ILE B 130 7.41 15.57 -14.13
CA ILE B 130 6.37 16.30 -13.36
C ILE B 130 5.78 17.39 -14.23
N GLN B 131 4.46 17.40 -14.35
CA GLN B 131 3.74 18.22 -15.35
C GLN B 131 2.86 19.22 -14.61
N GLU B 132 2.89 20.49 -15.05
CA GLU B 132 2.01 21.54 -14.53
C GLU B 132 0.84 21.63 -15.50
N TRP B 133 -0.37 21.64 -14.97
CA TRP B 133 -1.59 22.00 -15.70
C TRP B 133 -2.05 23.35 -15.18
N VAL B 134 -2.37 24.23 -16.15
CA VAL B 134 -2.74 25.66 -15.89
C VAL B 134 -4.22 25.85 -16.23
N TRP B 135 -4.97 26.38 -15.26
CA TRP B 135 -6.30 27.01 -15.51
C TRP B 135 -6.28 28.50 -15.15
N ASP B 136 -6.34 29.39 -16.13
CA ASP B 136 -6.36 30.84 -15.82
C ASP B 136 -7.79 31.38 -15.90
N SER B 137 -8.51 31.11 -17.01
CA SER B 137 -9.97 31.40 -17.18
C SER B 137 -10.68 30.41 -18.12
N PRO B 138 -12.03 30.45 -18.19
CA PRO B 138 -12.84 29.63 -19.09
C PRO B 138 -12.48 29.75 -20.56
N SER B 139 -12.11 30.96 -20.98
CA SER B 139 -11.79 31.31 -22.40
C SER B 139 -10.71 30.36 -22.91
N THR B 140 -9.71 30.11 -22.06
CA THR B 140 -8.42 29.46 -22.38
C THR B 140 -8.48 28.00 -21.91
N GLY B 141 -9.19 27.71 -20.81
CA GLY B 141 -9.28 26.34 -20.27
C GLY B 141 -7.94 25.73 -19.83
N TRP B 142 -7.89 24.39 -19.77
CA TRP B 142 -6.73 23.66 -19.21
C TRP B 142 -5.63 23.64 -20.24
N THR B 143 -4.43 24.06 -19.88
CA THR B 143 -3.31 24.14 -20.85
C THR B 143 -2.13 23.47 -20.17
N ALA B 144 -1.18 22.95 -20.93
CA ALA B 144 0.12 22.53 -20.39
C ALA B 144 0.85 23.78 -19.91
N GLY B 145 1.49 23.70 -18.75
CA GLY B 145 2.31 24.76 -18.12
C GLY B 145 3.72 24.23 -18.06
N ALA B 146 4.41 24.46 -16.96
CA ALA B 146 5.81 24.09 -16.76
C ALA B 146 5.89 22.57 -16.64
N ASN B 147 7.10 22.05 -16.84
CA ASN B 147 7.44 20.62 -16.72
C ASN B 147 8.77 20.59 -15.95
N PHE B 148 8.80 20.00 -14.77
CA PHE B 148 9.98 20.03 -13.87
C PHE B 148 10.98 18.91 -14.24
N GLY B 149 10.78 18.18 -15.34
CA GLY B 149 11.64 17.03 -15.69
C GLY B 149 11.45 15.73 -14.88
N ALA B 150 12.40 14.82 -15.04
CA ALA B 150 12.38 13.46 -14.51
C ALA B 150 12.21 13.53 -13.00
N ALA B 151 11.25 12.77 -12.52
CA ALA B 151 11.04 12.49 -11.11
C ALA B 151 11.11 10.97 -10.89
N LEU B 152 11.26 10.53 -9.64
CA LEU B 152 11.08 9.09 -9.23
C LEU B 152 9.67 8.59 -9.60
N PRO B 153 9.61 7.50 -10.38
CA PRO B 153 8.33 6.93 -10.80
C PRO B 153 7.45 6.64 -9.58
N GLY B 154 6.36 7.34 -9.44
CA GLY B 154 5.47 7.11 -8.31
C GLY B 154 5.79 8.04 -7.16
N THR B 155 6.61 9.05 -7.37
CA THR B 155 6.85 10.08 -6.34
C THR B 155 5.52 10.60 -5.83
N ALA B 156 5.47 10.90 -4.55
CA ALA B 156 4.45 11.77 -3.97
C ALA B 156 4.63 13.19 -4.58
N ILE B 157 3.57 13.95 -4.62
CA ILE B 157 3.60 15.34 -5.11
C ILE B 157 2.77 16.19 -4.13
N ALA B 158 3.44 17.12 -3.46
CA ALA B 158 2.77 18.10 -2.57
C ALA B 158 3.05 19.51 -3.10
N ALA B 159 2.06 20.36 -3.02
CA ALA B 159 1.97 21.68 -3.64
C ALA B 159 1.32 22.65 -2.67
N THR B 160 1.93 23.81 -2.52
CA THR B 160 1.33 24.88 -1.71
C THR B 160 1.68 26.21 -2.36
N SER B 161 0.81 27.17 -2.17
CA SER B 161 0.85 28.51 -2.74
C SER B 161 0.42 29.54 -1.70
N TRP B 162 0.96 30.76 -1.82
CA TRP B 162 0.56 31.95 -1.04
C TRP B 162 0.74 33.18 -1.89
N GLY B 163 0.09 34.27 -1.51
CA GLY B 163 0.42 35.57 -2.13
C GLY B 163 -0.52 35.81 -3.25
N ALA B 164 -0.66 37.06 -3.69
CA ALA B 164 -1.64 37.36 -4.74
C ALA B 164 -0.94 37.86 -6.01
N GLY B 165 0.15 38.61 -5.96
CA GLY B 165 0.59 39.22 -7.21
C GLY B 165 1.94 39.89 -7.07
N PRO B 166 3.06 39.16 -7.00
CA PRO B 166 3.19 37.84 -7.61
C PRO B 166 2.57 36.72 -6.77
N TYR B 167 2.13 35.66 -7.45
CA TYR B 167 1.81 34.37 -6.77
C TYR B 167 3.09 33.61 -6.40
N HIS B 168 3.03 32.83 -5.33
CA HIS B 168 4.17 32.03 -4.81
C HIS B 168 3.77 30.55 -4.81
N ILE B 169 4.57 29.70 -5.42
CA ILE B 169 4.23 28.26 -5.50
C ILE B 169 5.46 27.48 -5.10
N ARG B 170 5.28 26.45 -4.26
CA ARG B 170 6.32 25.43 -3.99
C ARG B 170 5.69 24.09 -4.27
N VAL B 171 6.41 23.28 -5.03
CA VAL B 171 6.01 21.89 -5.40
C VAL B 171 7.11 20.95 -4.92
N TYR B 172 6.76 19.98 -4.05
CA TYR B 172 7.69 18.99 -3.46
C TYR B 172 7.44 17.63 -4.08
N PHE B 173 8.52 16.95 -4.45
CA PHE B 173 8.51 15.65 -5.16
C PHE B 173 9.91 15.05 -5.13
N GLN B 174 10.03 13.81 -5.57
CA GLN B 174 11.22 12.94 -5.30
C GLN B 174 11.92 12.84 -6.66
N ASP B 175 13.19 13.21 -6.75
CA ASP B 175 13.98 13.03 -7.99
C ASP B 175 14.31 11.53 -8.16
N THR B 176 15.00 11.20 -9.25
CA THR B 176 15.34 9.81 -9.64
C THR B 176 16.35 9.24 -8.65
N ASN B 177 17.09 10.06 -7.92
CA ASN B 177 18.02 9.64 -6.82
C ASN B 177 17.30 9.58 -5.45
N ARG B 178 15.98 9.54 -5.42
CA ARG B 178 15.18 9.42 -4.16
C ARG B 178 15.35 10.65 -3.26
N ASN B 179 15.90 11.76 -3.72
CA ASN B 179 15.98 12.94 -2.83
C ASN B 179 14.68 13.74 -2.97
N VAL B 180 14.04 14.12 -1.87
CA VAL B 180 12.92 15.11 -1.90
C VAL B 180 13.53 16.46 -2.22
N ILE B 181 12.99 17.07 -3.25
CA ILE B 181 13.46 18.37 -3.80
C ILE B 181 12.24 19.30 -3.95
N GLU B 182 12.48 20.57 -4.33
CA GLU B 182 11.45 21.63 -4.35
C GLU B 182 11.62 22.42 -5.62
N SER B 183 10.53 22.67 -6.30
CA SER B 183 10.40 23.57 -7.46
C SER B 183 9.71 24.85 -7.02
N GLY B 184 10.31 25.99 -7.27
CA GLY B 184 9.74 27.25 -6.76
C GLY B 184 9.34 28.17 -7.89
N TRP B 185 8.32 28.96 -7.65
CA TRP B 185 7.90 30.05 -8.55
C TRP B 185 7.60 31.27 -7.69
N ASP B 186 8.27 32.37 -7.94
CA ASP B 186 8.07 33.61 -7.14
C ASP B 186 7.59 34.73 -8.06
N GLY B 187 7.30 34.40 -9.31
CA GLY B 187 6.69 35.29 -10.28
C GLY B 187 7.57 35.46 -11.49
N SER B 188 8.81 34.95 -11.44
CA SER B 188 9.86 35.21 -12.46
C SER B 188 10.54 33.92 -12.88
N GLY B 189 9.75 32.84 -13.07
CA GLY B 189 10.26 31.54 -13.58
C GLY B 189 10.53 30.53 -12.47
N TRP B 190 10.55 29.23 -12.84
CA TRP B 190 10.74 28.11 -11.89
C TRP B 190 12.23 27.96 -11.55
N TYR B 191 12.53 27.50 -10.35
CA TYR B 191 13.93 27.27 -9.95
C TYR B 191 13.94 26.07 -9.02
N THR B 192 15.10 25.48 -8.81
CA THR B 192 15.30 24.49 -7.74
C THR B 192 15.44 25.23 -6.41
N GLY B 193 14.55 24.97 -5.45
CA GLY B 193 14.56 25.61 -4.12
C GLY B 193 15.60 24.99 -3.21
N GLY B 194 15.72 25.53 -2.00
CA GLY B 194 16.75 25.11 -1.02
C GLY B 194 16.39 23.84 -0.31
N LEU B 195 15.11 23.49 -0.26
CA LEU B 195 14.65 22.26 0.46
C LEU B 195 15.24 21.06 -0.30
N LYS B 196 15.99 20.21 0.40
CA LYS B 196 16.49 18.90 -0.12
C LYS B 196 16.50 17.90 1.03
N ILE B 197 15.83 16.74 0.91
CA ILE B 197 15.87 15.65 1.95
C ILE B 197 16.51 14.46 1.28
N SER B 198 17.79 14.25 1.52
CA SER B 198 18.64 13.24 0.83
C SER B 198 18.15 11.80 0.97
N ASN B 199 18.21 11.07 -0.14
CA ASN B 199 18.08 9.60 -0.28
C ASN B 199 16.97 9.07 0.64
N GLN B 200 15.74 9.60 0.53
CA GLN B 200 14.54 9.14 1.28
C GLN B 200 13.94 7.90 0.62
N SER B 201 12.96 7.27 1.28
CA SER B 201 12.34 5.98 0.88
C SER B 201 11.69 6.19 -0.49
N PRO B 202 11.85 5.25 -1.43
CA PRO B 202 11.23 5.44 -2.74
C PRO B 202 9.73 5.66 -2.50
N ARG B 203 9.18 6.73 -3.08
CA ARG B 203 7.73 7.09 -3.04
C ARG B 203 7.26 7.42 -1.63
N ALA B 204 8.14 7.79 -0.70
CA ALA B 204 7.75 8.38 0.60
C ALA B 204 6.66 9.45 0.46
N SER B 205 5.60 9.31 1.23
CA SER B 205 4.48 10.29 1.25
C SER B 205 4.97 11.72 1.61
N LEU B 206 4.18 12.69 1.17
CA LEU B 206 4.47 14.13 1.27
C LEU B 206 3.15 14.90 1.39
N GLY B 207 3.20 15.96 2.20
CA GLY B 207 2.07 16.83 2.55
C GLY B 207 2.61 18.17 2.95
N ALA B 208 2.16 19.24 2.26
CA ALA B 208 2.58 20.64 2.51
C ALA B 208 1.41 21.50 2.89
N THR B 209 1.59 22.35 3.90
CA THR B 209 0.73 23.55 4.10
C THR B 209 1.63 24.78 4.19
N SER B 210 1.05 25.91 3.86
CA SER B 210 1.67 27.23 4.03
C SER B 210 0.63 28.24 4.56
N TRP B 211 1.12 29.28 5.26
CA TRP B 211 0.35 30.44 5.76
C TRP B 211 1.16 31.75 5.73
N GLY B 212 0.51 32.87 6.03
CA GLY B 212 1.14 34.21 5.95
C GLY B 212 1.41 34.65 4.52
N GLU B 213 2.38 35.57 4.36
CA GLU B 213 2.75 36.18 3.06
C GLU B 213 4.26 36.27 3.01
N SER B 214 4.86 36.36 1.81
CA SER B 214 6.31 36.56 1.67
C SER B 214 6.66 37.70 2.63
N GLY B 215 7.76 37.55 3.34
CA GLY B 215 8.10 38.46 4.45
C GLY B 215 8.28 37.65 5.72
N SER B 216 8.10 38.26 6.89
CA SER B 216 8.41 37.61 8.18
C SER B 216 7.32 36.62 8.59
N SER B 217 6.10 36.77 8.07
CA SER B 217 4.91 36.03 8.56
C SER B 217 4.79 34.67 7.85
N LEU B 218 5.56 34.44 6.77
CA LEU B 218 5.45 33.20 5.99
C LEU B 218 5.72 31.94 6.85
N GLY B 219 4.81 30.96 6.76
CA GLY B 219 5.05 29.58 7.22
C GLY B 219 4.93 28.59 6.07
N ILE B 220 5.88 27.68 5.99
CA ILE B 220 5.79 26.40 5.22
C ILE B 220 6.13 25.24 6.19
N ARG B 221 5.28 24.21 6.13
CA ARG B 221 5.44 22.89 6.82
C ARG B 221 5.38 21.82 5.74
N LEU B 222 6.45 21.07 5.58
CA LEU B 222 6.45 19.86 4.72
C LEU B 222 6.50 18.63 5.63
N TYR B 223 5.40 17.87 5.75
CA TYR B 223 5.41 16.53 6.39
C TYR B 223 5.88 15.50 5.35
N TYR B 224 6.58 14.46 5.80
CA TYR B 224 7.18 13.40 4.96
C TYR B 224 7.41 12.11 5.75
N ALA B 225 7.47 11.01 5.03
CA ALA B 225 7.65 9.65 5.58
C ALA B 225 9.14 9.30 5.65
N THR B 226 9.56 8.70 6.76
CA THR B 226 10.95 8.28 7.01
C THR B 226 10.98 6.80 6.73
N GLN B 227 12.16 6.21 6.69
CA GLN B 227 12.40 4.80 6.28
C GLN B 227 11.69 3.88 7.29
N ASP B 228 11.33 4.37 8.47
CA ASP B 228 10.92 3.48 9.59
C ASP B 228 9.53 3.89 10.11
N ASN B 229 8.67 4.40 9.21
CA ASN B 229 7.21 4.57 9.38
C ASN B 229 6.97 5.66 10.40
N LEU B 230 7.84 6.65 10.49
CA LEU B 230 7.50 7.95 11.17
C LEU B 230 7.12 8.97 10.09
N ILE B 231 6.19 9.88 10.43
CA ILE B 231 5.95 11.19 9.72
C ILE B 231 6.70 12.26 10.54
N LYS B 232 7.65 12.94 9.91
CA LYS B 232 8.42 14.07 10.50
C LYS B 232 8.06 15.36 9.72
N GLU B 233 8.75 16.46 9.97
CA GLU B 233 8.36 17.82 9.53
C GLU B 233 9.59 18.67 9.14
N LYS B 234 9.55 19.28 7.97
CA LYS B 234 10.50 20.37 7.64
C LYS B 234 9.73 21.67 7.77
N ALA B 235 10.31 22.65 8.44
CA ALA B 235 9.68 23.95 8.78
C ALA B 235 10.51 25.10 8.21
N TRP B 236 9.81 26.06 7.63
CA TRP B 236 10.40 27.32 7.15
C TRP B 236 9.56 28.41 7.78
N ASP B 237 10.18 29.30 8.56
CA ASP B 237 9.48 30.48 9.12
C ASP B 237 10.02 31.76 8.47
N GLY B 238 9.07 32.56 7.99
CA GLY B 238 9.27 33.87 7.33
C GLY B 238 10.56 33.97 6.54
N GLY B 239 11.58 34.55 7.17
CA GLY B 239 12.87 34.94 6.59
C GLY B 239 13.65 33.75 6.15
N GLY B 240 13.68 32.68 6.90
CA GLY B 240 14.42 31.58 6.28
C GLY B 240 15.24 30.71 7.22
N GLY B 241 15.76 29.63 6.64
CA GLY B 241 16.39 28.54 7.37
C GLY B 241 15.35 27.45 7.54
N TRP B 242 15.43 26.42 6.67
CA TRP B 242 14.67 25.15 6.85
C TRP B 242 15.16 24.55 8.18
N TYR B 243 14.23 24.15 9.05
CA TYR B 243 14.60 23.36 10.25
C TYR B 243 13.65 22.18 10.48
N ASP B 244 14.15 21.16 11.15
CA ASP B 244 13.37 19.98 11.51
C ASP B 244 12.35 20.45 12.55
N GLY B 245 11.06 20.23 12.28
CA GLY B 245 9.94 20.63 13.16
C GLY B 245 9.76 19.68 14.32
N GLY B 246 8.86 20.01 15.25
CA GLY B 246 8.54 19.22 16.44
C GLY B 246 7.73 17.98 16.12
N PHE B 247 6.87 18.10 15.11
CA PHE B 247 5.95 17.01 14.65
C PHE B 247 6.71 15.78 14.19
N GLN B 248 6.57 14.71 14.97
CA GLN B 248 7.13 13.34 14.71
C GLN B 248 6.15 12.31 15.27
N GLN B 249 5.37 11.67 14.39
CA GLN B 249 4.38 10.60 14.73
C GLN B 249 4.60 9.30 13.93
N ARG B 250 4.29 8.22 14.59
CA ARG B 250 4.35 6.86 14.02
C ARG B 250 3.15 6.67 13.12
N SER B 251 3.31 5.94 12.05
CA SER B 251 2.21 5.78 11.06
C SER B 251 2.16 4.32 10.64
N ILE B 252 1.06 3.93 10.02
CA ILE B 252 1.05 2.65 9.26
C ILE B 252 2.05 2.75 8.09
N PRO B 253 2.59 1.60 7.64
CA PRO B 253 3.39 1.56 6.41
C PRO B 253 2.68 2.21 5.21
N GLY B 254 3.27 3.24 4.65
CA GLY B 254 2.74 3.92 3.46
C GLY B 254 1.67 4.92 3.79
N SER B 255 1.42 5.21 5.06
CA SER B 255 0.48 6.30 5.39
C SER B 255 0.79 7.50 4.52
N ARG B 256 -0.28 8.09 3.96
CA ARG B 256 -0.31 9.45 3.39
C ARG B 256 -0.36 10.42 4.57
N VAL B 257 -0.25 11.71 4.22
CA VAL B 257 -0.33 12.84 5.19
C VAL B 257 -0.92 14.03 4.45
N ALA B 258 -1.85 14.70 5.10
CA ALA B 258 -2.45 15.96 4.68
C ALA B 258 -2.44 16.93 5.87
N ALA B 259 -2.41 18.23 5.60
CA ALA B 259 -2.26 19.27 6.64
C ALA B 259 -2.97 20.51 6.14
N ILE B 260 -3.54 21.22 7.07
CA ILE B 260 -4.21 22.53 6.85
C ILE B 260 -3.49 23.53 7.75
N PRO B 261 -3.44 24.81 7.33
CA PRO B 261 -2.51 25.79 7.92
C PRO B 261 -2.94 26.43 9.25
N LEU B 262 -1.93 26.78 10.05
CA LEU B 262 -2.03 27.71 11.22
C LEU B 262 -2.85 28.93 10.79
N PRO B 263 -3.76 29.47 11.62
CA PRO B 263 -3.86 29.15 13.04
C PRO B 263 -4.72 27.91 13.32
N VAL B 264 -5.32 27.27 12.31
CA VAL B 264 -5.97 25.94 12.51
C VAL B 264 -5.10 24.85 11.86
N LEU B 265 -3.98 24.56 12.50
CA LEU B 265 -2.92 23.62 12.04
C LEU B 265 -3.23 22.22 12.56
N ARG B 266 -3.50 21.30 11.64
CA ARG B 266 -3.87 19.92 11.91
C ARG B 266 -3.16 19.05 10.87
N VAL B 267 -2.60 17.93 11.29
CA VAL B 267 -2.00 16.94 10.36
C VAL B 267 -2.90 15.67 10.42
N TYR B 268 -3.29 15.16 9.28
CA TYR B 268 -4.06 13.91 9.14
C TYR B 268 -3.11 12.84 8.61
N LEU B 269 -3.08 11.68 9.29
CA LEU B 269 -2.38 10.45 8.85
C LEU B 269 -3.05 9.23 9.46
N GLN B 270 -2.59 8.03 9.07
CA GLN B 270 -3.13 6.70 9.51
C GLN B 270 -2.08 6.07 10.41
N ASN B 271 -2.38 5.88 11.70
CA ASN B 271 -1.37 5.35 12.67
C ASN B 271 -1.80 3.95 13.09
N GLY B 272 -2.91 3.44 12.56
CA GLY B 272 -3.45 2.12 12.95
C GLY B 272 -4.62 2.14 13.95
N THR B 273 -5.12 3.31 14.33
CA THR B 273 -6.31 3.48 15.18
C THR B 273 -7.53 2.92 14.43
N GLU B 274 -8.24 1.99 15.10
CA GLU B 274 -9.37 1.22 14.53
C GLU B 274 -8.93 0.57 13.21
N VAL B 275 -7.69 0.12 13.16
CA VAL B 275 -6.96 -0.41 11.98
C VAL B 275 -6.76 0.66 10.89
N SER B 276 -7.81 1.11 10.20
CA SER B 276 -7.68 1.87 8.95
C SER B 276 -8.19 3.32 9.13
N GLY B 277 -8.57 3.70 10.33
CA GLY B 277 -8.98 5.09 10.67
C GLY B 277 -7.85 6.15 10.57
N ILE B 278 -8.18 7.33 10.03
CA ILE B 278 -7.32 8.54 9.97
C ILE B 278 -7.35 9.28 11.30
N THR B 279 -6.19 9.60 11.84
CA THR B 279 -6.04 10.33 13.10
C THR B 279 -5.66 11.78 12.80
N GLU B 280 -6.32 12.74 13.46
CA GLU B 280 -5.98 14.20 13.45
C GLU B 280 -5.07 14.55 14.62
N TYR B 281 -3.91 15.14 14.32
CA TYR B 281 -3.04 15.88 15.27
C TYR B 281 -3.34 17.38 15.15
N ALA B 282 -3.21 18.09 16.26
CA ALA B 282 -3.53 19.52 16.41
C ALA B 282 -2.29 20.21 16.99
N TRP B 283 -2.02 21.43 16.48
CA TRP B 283 -1.03 22.36 17.07
C TRP B 283 -1.74 23.27 18.07
N ASN B 284 -1.31 23.26 19.33
CA ASN B 284 -1.83 24.17 20.39
C ASN B 284 -0.68 24.39 21.38
N SER B 285 0.29 25.23 21.01
CA SER B 285 1.59 25.41 21.72
C SER B 285 2.16 24.03 22.07
N GLY B 286 2.29 23.17 21.06
CA GLY B 286 2.68 21.76 21.24
C GLY B 286 1.73 20.84 20.50
N TRP B 287 2.22 19.68 20.08
CA TRP B 287 1.40 18.78 19.27
C TRP B 287 0.56 17.92 20.21
N VAL B 288 -0.74 17.80 19.94
CA VAL B 288 -1.65 16.92 20.74
C VAL B 288 -2.51 16.09 19.78
N VAL B 289 -3.31 15.18 20.33
CA VAL B 289 -4.31 14.46 19.50
C VAL B 289 -5.58 15.30 19.47
N GLY B 290 -6.03 15.75 18.30
CA GLY B 290 -7.27 16.50 18.12
C GLY B 290 -8.47 15.57 17.89
N GLN B 291 -8.28 14.46 17.15
CA GLN B 291 -9.36 13.50 16.84
C GLN B 291 -8.73 12.13 16.56
N ALA B 292 -8.94 11.18 17.48
CA ALA B 292 -8.26 9.89 17.55
C ALA B 292 -8.59 9.17 16.24
N VAL B 293 -9.85 9.24 15.86
CA VAL B 293 -10.31 8.62 14.59
C VAL B 293 -11.37 9.49 13.91
N LEU B 294 -11.16 9.81 12.63
CA LEU B 294 -12.10 10.60 11.81
C LEU B 294 -13.25 9.74 11.32
N PRO B 295 -14.39 10.33 10.97
CA PRO B 295 -15.48 9.56 10.39
C PRO B 295 -14.97 8.75 9.20
N PRO B 296 -15.60 7.65 8.80
CA PRO B 296 -16.92 7.26 9.30
C PRO B 296 -16.92 6.50 10.64
N ALA B 297 -15.77 6.45 11.33
CA ALA B 297 -15.65 5.83 12.66
C ALA B 297 -16.16 6.82 13.69
#